data_8QZY
#
_entry.id   8QZY
#
_cell.length_a   62.542
_cell.length_b   88.580
_cell.length_c   97.128
_cell.angle_alpha   90.00
_cell.angle_beta   90.00
_cell.angle_gamma   90.00
#
_symmetry.space_group_name_H-M   'P 21 21 21'
#
loop_
_entity.id
_entity.type
_entity.pdbx_description
1 polymer 'Diaminopimelate epimerase'
2 water water
#
_entity_poly.entity_id   1
_entity_poly.type   'polypeptide(L)'
_entity_poly.pdbx_seq_one_letter_code
;SAMLLRFTKMHGLGNDFMVLDLVSQHAHVQPKHVKLWGDRNTGVGFDQLLIVEAPSSPDVDFRYRIFNADGSEVEQCGNG
ARCFARFVQDKRLTVKKSIRVETKGGIIELNIRPDGQVTVDMGPPRLAPAEIPFQAEREALSYEIEVNGQRVELAAVSMG
NPHGVLRVENVDSAPVHSLGPQLEVHPRFPKKANIGFLQVLDPHHARLRVWERGVGETQACGTGACAAAVAGIRQGWLQS
PVQIDLPGGRLHIEWAGPGQPVMMTGPAVRVYEGQVRL
;
_entity_poly.pdbx_strand_id   A,B
#
# COMPACT_ATOMS: atom_id res chain seq x y z
N MET A 3 23.83 5.64 -9.88
CA MET A 3 23.97 4.24 -10.36
C MET A 3 22.64 3.48 -10.22
N LEU A 4 22.60 2.29 -10.79
CA LEU A 4 21.38 1.51 -10.94
C LEU A 4 21.51 0.27 -10.06
N LEU A 5 20.62 0.15 -9.09
CA LEU A 5 20.66 -0.94 -8.13
C LEU A 5 19.58 -1.96 -8.45
N ARG A 6 19.97 -3.23 -8.40
N ARG A 6 19.99 -3.22 -8.46
CA ARG A 6 19.05 -4.33 -8.56
CA ARG A 6 19.07 -4.34 -8.54
C ARG A 6 18.46 -4.72 -7.22
C ARG A 6 18.45 -4.57 -7.18
N PHE A 7 17.16 -4.90 -7.18
CA PHE A 7 16.47 -5.36 -5.98
C PHE A 7 15.45 -6.43 -6.34
N THR A 8 15.03 -7.20 -5.32
CA THR A 8 13.96 -8.19 -5.46
C THR A 8 12.83 -7.85 -4.50
N LYS A 9 11.61 -7.91 -5.00
CA LYS A 9 10.45 -7.76 -4.11
C LYS A 9 10.03 -9.15 -3.67
N MET A 10 9.91 -9.35 -2.35
CA MET A 10 9.46 -10.60 -1.75
C MET A 10 8.38 -10.33 -0.73
N HIS A 11 7.65 -11.36 -0.37
CA HIS A 11 6.81 -11.28 0.81
C HIS A 11 6.81 -12.58 1.59
N GLY A 12 6.64 -12.42 2.91
CA GLY A 12 6.40 -13.53 3.81
C GLY A 12 5.03 -13.35 4.42
N LEU A 13 4.09 -14.18 4.01
CA LEU A 13 2.70 -14.07 4.46
C LEU A 13 2.12 -12.67 4.27
N GLY A 14 2.52 -11.98 3.21
CA GLY A 14 1.99 -10.68 2.88
C GLY A 14 2.68 -9.51 3.55
N ASN A 15 3.67 -9.78 4.39
CA ASN A 15 4.60 -8.76 4.87
C ASN A 15 5.62 -8.58 3.77
N ASP A 16 5.62 -7.42 3.09
CA ASP A 16 6.37 -7.30 1.84
C ASP A 16 7.69 -6.55 2.00
N PHE A 17 8.73 -7.10 1.35
CA PHE A 17 10.09 -6.62 1.50
C PHE A 17 10.70 -6.21 0.17
N MET A 18 11.44 -5.11 0.21
CA MET A 18 12.42 -4.78 -0.82
C MET A 18 13.73 -5.39 -0.35
N VAL A 19 14.33 -6.26 -1.16
CA VAL A 19 15.53 -6.97 -0.76
C VAL A 19 16.70 -6.56 -1.64
N LEU A 20 17.78 -6.15 -1.01
CA LEU A 20 18.95 -5.60 -1.71
C LEU A 20 20.18 -6.41 -1.35
N ASP A 21 20.87 -6.90 -2.38
CA ASP A 21 22.18 -7.58 -2.25
C ASP A 21 23.27 -6.52 -2.34
N LEU A 22 23.82 -6.13 -1.19
CA LEU A 22 24.93 -5.19 -1.16
C LEU A 22 26.22 -5.93 -0.83
N VAL A 23 26.21 -7.25 -1.01
CA VAL A 23 27.46 -8.01 -1.10
C VAL A 23 28.06 -7.89 -2.50
N SER A 24 27.22 -8.13 -3.51
CA SER A 24 27.64 -8.07 -4.91
C SER A 24 27.57 -6.68 -5.51
N GLN A 25 26.83 -5.76 -4.89
CA GLN A 25 26.69 -4.40 -5.37
C GLN A 25 27.27 -3.44 -4.36
N HIS A 26 27.91 -2.38 -4.87
CA HIS A 26 28.52 -1.34 -4.04
C HIS A 26 27.63 -0.10 -4.06
N ALA A 27 27.06 0.24 -2.91
CA ALA A 27 26.21 1.41 -2.81
C ALA A 27 26.16 1.86 -1.36
N HIS A 28 26.04 3.17 -1.19
CA HIS A 28 25.84 3.77 0.12
C HIS A 28 24.36 4.15 0.20
N VAL A 29 23.60 3.38 0.96
CA VAL A 29 22.18 3.60 1.16
C VAL A 29 21.99 4.34 2.47
N GLN A 30 21.37 5.50 2.39
CA GLN A 30 21.19 6.37 3.54
C GLN A 30 19.71 6.47 3.88
N PRO A 31 19.39 6.91 5.11
CA PRO A 31 17.96 7.03 5.50
C PRO A 31 17.09 7.70 4.45
N LYS A 32 17.61 8.69 3.74
CA LYS A 32 16.80 9.38 2.74
C LYS A 32 16.34 8.44 1.64
N HIS A 33 17.16 7.45 1.27
CA HIS A 33 16.75 6.49 0.25
C HIS A 33 15.66 5.57 0.78
N VAL A 34 15.80 5.15 2.04
CA VAL A 34 14.82 4.23 2.60
C VAL A 34 13.46 4.89 2.59
N LYS A 35 13.40 6.17 2.92
CA LYS A 35 12.13 6.88 2.98
C LYS A 35 11.53 7.00 1.59
N LEU A 36 12.35 7.36 0.61
CA LEU A 36 11.88 7.55 -0.76
C LEU A 36 11.38 6.23 -1.32
N TRP A 37 12.16 5.15 -1.15
CA TRP A 37 11.77 3.88 -1.74
C TRP A 37 10.57 3.25 -1.04
N GLY A 38 10.42 3.47 0.27
CA GLY A 38 9.37 2.80 1.01
C GLY A 38 8.00 3.38 0.77
N ASP A 39 7.92 4.59 0.21
CA ASP A 39 6.61 5.26 0.01
C ASP A 39 5.77 4.48 -0.99
N ARG A 40 4.52 4.18 -0.63
CA ARG A 40 3.70 3.40 -1.54
C ARG A 40 3.21 4.20 -2.75
N ASN A 41 3.08 5.51 -2.61
CA ASN A 41 2.61 6.35 -3.70
C ASN A 41 3.72 6.68 -4.70
N THR A 42 4.91 6.99 -4.21
CA THR A 42 5.95 7.54 -5.05
C THR A 42 7.19 6.65 -5.07
N GLY A 43 7.18 5.54 -4.34
CA GLY A 43 8.37 4.69 -4.29
C GLY A 43 8.12 3.25 -4.71
N VAL A 44 9.06 2.36 -4.34
CA VAL A 44 8.85 0.95 -4.61
C VAL A 44 7.63 0.44 -3.84
N GLY A 45 7.53 0.82 -2.58
CA GLY A 45 6.46 0.40 -1.71
C GLY A 45 6.89 -0.84 -0.98
N PHE A 46 7.04 -0.74 0.34
CA PHE A 46 7.36 -1.93 1.11
C PHE A 46 6.98 -1.69 2.57
N ASP A 47 6.88 -2.79 3.31
CA ASP A 47 6.83 -2.73 4.76
C ASP A 47 8.22 -2.56 5.35
N GLN A 48 9.21 -3.30 4.81
CA GLN A 48 10.56 -3.19 5.29
C GLN A 48 11.53 -3.37 4.12
N LEU A 49 12.69 -2.76 4.27
CA LEU A 49 13.83 -2.90 3.38
C LEU A 49 14.78 -3.89 4.04
N LEU A 50 15.17 -4.96 3.34
CA LEU A 50 16.13 -5.91 3.88
C LEU A 50 17.40 -5.81 3.06
N ILE A 51 18.51 -5.52 3.73
CA ILE A 51 19.80 -5.35 3.07
C ILE A 51 20.70 -6.51 3.46
N VAL A 52 21.25 -7.19 2.44
CA VAL A 52 22.17 -8.28 2.66
C VAL A 52 23.58 -7.75 2.49
N GLU A 53 24.44 -7.92 3.50
CA GLU A 53 25.78 -7.36 3.42
C GLU A 53 26.76 -8.38 3.96
N ALA A 54 28.04 -8.08 3.79
CA ALA A 54 29.07 -9.01 4.22
C ALA A 54 29.09 -9.10 5.74
N PRO A 55 29.31 -10.29 6.29
CA PRO A 55 29.37 -10.44 7.73
C PRO A 55 30.68 -9.92 8.30
N SER A 56 30.65 -9.63 9.58
CA SER A 56 31.91 -9.28 10.23
C SER A 56 32.71 -10.50 10.60
N SER A 57 32.06 -11.59 10.95
CA SER A 57 32.78 -12.82 11.22
C SER A 57 32.85 -13.73 10.00
N PRO A 58 34.02 -14.26 9.64
CA PRO A 58 34.07 -15.31 8.59
C PRO A 58 33.49 -16.65 9.02
N ASP A 59 32.97 -16.79 10.23
CA ASP A 59 32.32 -18.00 10.66
C ASP A 59 30.81 -17.89 10.54
N VAL A 60 30.33 -16.76 10.00
CA VAL A 60 28.93 -16.50 9.73
C VAL A 60 28.80 -16.32 8.24
N ASP A 61 27.62 -16.69 7.70
CA ASP A 61 27.48 -16.67 6.25
C ASP A 61 27.17 -15.28 5.74
N PHE A 62 26.30 -14.54 6.43
CA PHE A 62 25.88 -13.23 5.95
C PHE A 62 25.53 -12.35 7.13
N ARG A 63 25.33 -11.09 6.83
CA ARG A 63 24.74 -10.13 7.76
C ARG A 63 23.49 -9.59 7.09
N TYR A 64 22.45 -9.29 7.85
CA TYR A 64 21.43 -8.44 7.23
C TYR A 64 20.95 -7.40 8.22
N ARG A 65 20.46 -6.30 7.65
CA ARG A 65 19.85 -5.20 8.37
C ARG A 65 18.47 -5.02 7.78
N ILE A 66 17.49 -4.74 8.62
CA ILE A 66 16.11 -4.54 8.21
C ILE A 66 15.68 -3.15 8.65
N PHE A 67 15.06 -2.39 7.73
CA PHE A 67 14.68 -1.00 8.00
C PHE A 67 13.21 -0.79 7.71
N ASN A 68 12.53 -0.02 8.56
CA ASN A 68 11.15 0.28 8.27
C ASN A 68 11.04 1.36 7.22
N ALA A 69 9.88 1.37 6.55
CA ALA A 69 9.62 2.39 5.55
C ALA A 69 9.90 3.79 6.08
N ASP A 70 9.79 3.99 7.40
CA ASP A 70 10.00 5.29 8.02
C ASP A 70 11.44 5.53 8.43
N GLY A 71 12.36 4.59 8.21
CA GLY A 71 13.78 4.79 8.40
C GLY A 71 14.38 4.03 9.57
N SER A 72 13.59 3.78 10.61
CA SER A 72 14.13 3.14 11.81
C SER A 72 14.49 1.68 11.53
N GLU A 73 15.50 1.19 12.27
CA GLU A 73 16.01 -0.16 12.07
C GLU A 73 15.35 -1.15 13.01
N VAL A 74 15.07 -2.35 12.48
CA VAL A 74 14.38 -3.41 13.19
C VAL A 74 15.40 -4.41 13.72
N GLU A 75 15.15 -4.96 14.91
CA GLU A 75 16.09 -5.85 15.58
C GLU A 75 15.86 -7.32 15.26
N GLN A 76 14.61 -7.76 15.21
CA GLN A 76 14.26 -9.15 14.92
C GLN A 76 13.00 -9.17 14.08
N CYS A 77 12.99 -9.98 13.02
CA CYS A 77 11.87 -10.02 12.09
C CYS A 77 11.81 -11.39 11.45
N GLY A 78 10.85 -12.21 11.89
CA GLY A 78 10.79 -13.58 11.42
C GLY A 78 10.47 -13.69 9.94
N ASN A 79 9.52 -12.88 9.46
CA ASN A 79 9.22 -12.91 8.03
C ASN A 79 10.46 -12.53 7.23
N GLY A 80 11.16 -11.49 7.66
CA GLY A 80 12.30 -11.03 6.91
C GLY A 80 13.40 -12.08 6.84
N ALA A 81 13.59 -12.83 7.93
CA ALA A 81 14.61 -13.88 7.92
C ALA A 81 14.30 -14.94 6.88
N ARG A 82 13.01 -15.25 6.67
CA ARG A 82 12.67 -16.27 5.69
C ARG A 82 12.86 -15.77 4.27
N CYS A 83 12.47 -14.52 3.98
CA CYS A 83 12.80 -13.97 2.67
C CYS A 83 14.28 -13.91 2.43
N PHE A 84 15.05 -13.52 3.43
CA PHE A 84 16.49 -13.45 3.30
C PHE A 84 17.05 -14.79 2.88
N ALA A 85 16.59 -15.87 3.53
CA ALA A 85 17.13 -17.20 3.25
C ALA A 85 16.86 -17.60 1.82
N ARG A 86 15.62 -17.44 1.36
CA ARG A 86 15.30 -17.84 0.00
C ARG A 86 16.00 -16.93 -1.01
N PHE A 87 16.19 -15.67 -0.65
CA PHE A 87 16.90 -14.74 -1.51
C PHE A 87 18.33 -15.20 -1.73
N VAL A 88 19.07 -15.47 -0.66
CA VAL A 88 20.48 -15.81 -0.87
C VAL A 88 20.62 -17.14 -1.57
N GLN A 89 19.68 -18.05 -1.37
CA GLN A 89 19.69 -19.30 -2.12
C GLN A 89 19.40 -19.07 -3.60
N ASP A 90 18.33 -18.37 -3.92
CA ASP A 90 17.95 -18.25 -5.32
C ASP A 90 18.82 -17.29 -6.13
N LYS A 91 19.52 -16.37 -5.50
CA LYS A 91 20.54 -15.55 -6.16
C LYS A 91 21.91 -16.22 -6.15
N ARG A 92 21.99 -17.46 -5.65
CA ARG A 92 23.19 -18.32 -5.69
C ARG A 92 24.34 -17.72 -4.89
N LEU A 93 24.01 -17.00 -3.83
CA LEU A 93 25.01 -16.47 -2.94
C LEU A 93 25.51 -17.51 -1.94
N THR A 94 24.77 -18.61 -1.79
CA THR A 94 25.14 -19.72 -0.93
C THR A 94 24.58 -20.97 -1.57
N VAL A 95 25.21 -22.11 -1.29
CA VAL A 95 24.61 -23.40 -1.57
C VAL A 95 24.22 -24.16 -0.32
N LYS A 96 24.40 -23.57 0.86
CA LYS A 96 24.00 -24.23 2.09
C LYS A 96 22.50 -24.18 2.28
N LYS A 97 21.99 -25.17 2.99
CA LYS A 97 20.60 -25.12 3.44
C LYS A 97 20.49 -24.68 4.88
N SER A 98 21.57 -24.81 5.64
CA SER A 98 21.61 -24.34 7.03
C SER A 98 22.54 -23.14 7.06
N ILE A 99 21.99 -21.97 7.38
N ILE A 99 22.01 -21.96 7.31
CA ILE A 99 22.65 -20.69 7.23
CA ILE A 99 22.84 -20.76 7.21
C ILE A 99 22.71 -20.03 8.60
C ILE A 99 22.69 -19.92 8.47
N ARG A 100 23.79 -19.31 8.87
CA ARG A 100 23.89 -18.50 10.07
C ARG A 100 24.05 -17.07 9.60
N VAL A 101 23.28 -16.16 10.19
N VAL A 101 23.32 -16.17 10.23
CA VAL A 101 23.27 -14.77 9.73
CA VAL A 101 23.26 -14.78 9.79
C VAL A 101 23.35 -13.84 10.93
C VAL A 101 23.41 -13.87 10.99
N GLU A 102 24.21 -12.82 10.81
CA GLU A 102 24.35 -11.78 11.83
C GLU A 102 23.19 -10.82 11.70
N THR A 103 22.45 -10.61 12.78
CA THR A 103 21.38 -9.63 12.78
C THR A 103 21.58 -8.67 13.94
N LYS A 104 20.79 -7.60 13.95
CA LYS A 104 20.92 -6.64 15.05
C LYS A 104 20.69 -7.32 16.41
N GLY A 105 19.89 -8.37 16.45
CA GLY A 105 19.64 -9.05 17.71
C GLY A 105 20.46 -10.29 17.98
N GLY A 106 21.57 -10.43 17.28
CA GLY A 106 22.47 -11.56 17.42
C GLY A 106 22.47 -12.46 16.19
N ILE A 107 23.24 -13.54 16.29
CA ILE A 107 23.37 -14.50 15.20
C ILE A 107 22.22 -15.48 15.25
N ILE A 108 21.53 -15.64 14.13
CA ILE A 108 20.44 -16.61 14.06
C ILE A 108 20.73 -17.67 13.01
N GLU A 109 20.21 -18.85 13.29
CA GLU A 109 20.32 -20.04 12.46
C GLU A 109 19.03 -20.21 11.68
N LEU A 110 19.17 -20.38 10.38
CA LEU A 110 18.07 -20.58 9.44
C LEU A 110 18.29 -21.92 8.74
N ASN A 111 17.18 -22.57 8.37
N ASN A 111 17.18 -22.59 8.39
CA ASN A 111 17.25 -23.81 7.60
CA ASN A 111 17.28 -23.82 7.61
C ASN A 111 16.23 -23.79 6.49
C ASN A 111 16.23 -23.78 6.50
N ILE A 112 16.69 -23.95 5.26
CA ILE A 112 15.81 -24.05 4.11
C ILE A 112 15.40 -25.51 3.94
N ARG A 113 14.10 -25.77 3.93
CA ARG A 113 13.60 -27.14 3.87
C ARG A 113 13.50 -27.62 2.43
N PRO A 114 13.35 -28.93 2.22
CA PRO A 114 13.16 -29.41 0.85
C PRO A 114 11.95 -28.82 0.16
N ASP A 115 10.86 -28.56 0.90
CA ASP A 115 9.69 -27.97 0.26
C ASP A 115 9.85 -26.49 0.00
N GLY A 116 10.98 -25.89 0.37
CA GLY A 116 11.22 -24.50 0.09
C GLY A 116 10.81 -23.53 1.18
N GLN A 117 10.10 -23.99 2.20
CA GLN A 117 9.88 -23.15 3.36
C GLN A 117 11.17 -23.07 4.19
N VAL A 118 11.19 -22.08 5.09
CA VAL A 118 12.34 -21.76 5.89
C VAL A 118 11.98 -21.85 7.37
N THR A 119 12.84 -22.53 8.14
CA THR A 119 12.73 -22.65 9.59
C THR A 119 13.68 -21.69 10.28
N VAL A 120 13.13 -20.88 11.18
CA VAL A 120 13.87 -19.84 11.89
C VAL A 120 13.90 -20.19 13.37
N ASP A 121 15.09 -20.14 13.95
CA ASP A 121 15.26 -20.23 15.41
C ASP A 121 14.90 -18.89 16.03
N MET A 122 13.76 -18.83 16.70
CA MET A 122 13.23 -17.59 17.23
C MET A 122 13.65 -17.34 18.67
N GLY A 123 14.42 -18.25 19.27
CA GLY A 123 14.82 -18.15 20.66
C GLY A 123 13.76 -18.67 21.60
N PRO A 124 14.06 -18.81 22.88
CA PRO A 124 13.09 -19.31 23.83
C PRO A 124 12.14 -18.20 24.25
N PRO A 125 10.92 -18.54 24.64
CA PRO A 125 10.01 -17.53 25.22
C PRO A 125 10.42 -17.17 26.64
N ARG A 126 10.07 -15.96 27.03
CA ARG A 126 10.24 -15.49 28.41
C ARG A 126 8.86 -15.39 29.04
N LEU A 127 8.68 -16.10 30.15
CA LEU A 127 7.35 -16.32 30.74
C LEU A 127 7.15 -15.64 32.08
N ALA A 128 8.21 -15.16 32.71
CA ALA A 128 8.03 -14.48 33.99
C ALA A 128 7.47 -13.09 33.78
N PRO A 129 6.48 -12.67 34.57
CA PRO A 129 5.84 -11.36 34.29
C PRO A 129 6.82 -10.20 34.16
N ALA A 130 7.84 -10.13 35.02
CA ALA A 130 8.76 -8.98 34.96
C ALA A 130 9.41 -8.86 33.59
N GLU A 131 9.59 -9.97 32.88
CA GLU A 131 10.30 -9.99 31.61
C GLU A 131 9.43 -9.60 30.42
N ILE A 132 8.11 -9.55 30.58
CA ILE A 132 7.23 -9.45 29.41
C ILE A 132 7.29 -8.03 28.85
N PRO A 133 7.03 -6.96 29.61
CA PRO A 133 6.64 -6.86 31.01
C PRO A 133 5.13 -6.94 31.18
N PHE A 134 4.68 -7.58 32.26
CA PHE A 134 3.27 -7.76 32.55
C PHE A 134 3.10 -7.73 34.06
N GLN A 135 2.20 -6.89 34.54
CA GLN A 135 1.94 -6.83 35.98
C GLN A 135 1.13 -8.04 36.42
N ALA A 136 1.74 -8.87 37.27
CA ALA A 136 1.07 -10.03 37.83
C ALA A 136 1.69 -10.35 39.18
N GLU A 137 0.90 -10.96 40.05
CA GLU A 137 1.41 -11.43 41.33
C GLU A 137 2.49 -12.48 41.14
N ARG A 138 2.19 -13.52 40.38
CA ARG A 138 3.13 -14.61 40.14
C ARG A 138 3.00 -15.05 38.68
N GLU A 139 4.04 -15.72 38.20
CA GLU A 139 3.93 -16.39 36.90
C GLU A 139 2.77 -17.37 36.95
N ALA A 140 1.97 -17.38 35.89
CA ALA A 140 0.86 -18.33 35.79
C ALA A 140 0.60 -18.63 34.33
N LEU A 141 -0.12 -19.72 34.08
CA LEU A 141 -0.43 -20.14 32.72
C LEU A 141 -1.40 -19.19 32.05
N SER A 142 -2.26 -18.55 32.83
CA SER A 142 -3.20 -17.57 32.33
C SER A 142 -3.45 -16.60 33.47
N TYR A 143 -3.93 -15.42 33.12
CA TYR A 143 -4.25 -14.38 34.09
C TYR A 143 -5.64 -13.82 33.81
N GLU A 144 -6.42 -13.60 34.86
CA GLU A 144 -7.73 -12.96 34.72
C GLU A 144 -7.55 -11.46 34.82
N ILE A 145 -8.00 -10.73 33.81
CA ILE A 145 -7.80 -9.29 33.68
C ILE A 145 -9.16 -8.62 33.79
N GLU A 146 -9.26 -7.58 34.60
CA GLU A 146 -10.45 -6.73 34.58
C GLU A 146 -10.16 -5.60 33.60
N VAL A 147 -11.01 -5.46 32.57
CA VAL A 147 -10.76 -4.50 31.49
C VAL A 147 -12.07 -3.82 31.16
N ASN A 148 -12.22 -2.60 31.64
CA ASN A 148 -13.35 -1.75 31.27
C ASN A 148 -14.69 -2.44 31.50
N GLY A 149 -14.88 -2.96 32.69
CA GLY A 149 -16.14 -3.60 33.03
C GLY A 149 -16.30 -4.99 32.49
N GLN A 150 -15.25 -5.55 31.90
CA GLN A 150 -15.29 -6.90 31.35
C GLN A 150 -14.24 -7.73 32.07
N ARG A 151 -14.35 -9.04 31.96
CA ARG A 151 -13.37 -9.98 32.47
C ARG A 151 -12.82 -10.77 31.28
N VAL A 152 -11.49 -10.87 31.22
CA VAL A 152 -10.79 -11.59 30.15
C VAL A 152 -9.74 -12.49 30.78
N GLU A 153 -9.52 -13.64 30.16
CA GLU A 153 -8.47 -14.57 30.56
C GLU A 153 -7.42 -14.59 29.46
N LEU A 154 -6.19 -14.21 29.79
CA LEU A 154 -5.16 -14.22 28.76
C LEU A 154 -3.87 -14.79 29.29
N ALA A 155 -3.09 -15.34 28.38
CA ALA A 155 -1.72 -15.75 28.67
C ALA A 155 -0.79 -14.60 28.31
N ALA A 156 0.32 -14.49 29.00
CA ALA A 156 1.28 -13.42 28.71
C ALA A 156 2.63 -14.07 28.43
N VAL A 157 3.21 -13.73 27.28
CA VAL A 157 4.44 -14.33 26.79
C VAL A 157 5.26 -13.23 26.13
N SER A 158 6.58 -13.35 26.24
CA SER A 158 7.49 -12.50 25.49
C SER A 158 8.30 -13.34 24.50
N MET A 159 8.37 -12.89 23.25
CA MET A 159 9.26 -13.43 22.23
C MET A 159 10.31 -12.40 21.85
N GLY A 160 10.72 -11.59 22.83
CA GLY A 160 11.45 -10.38 22.59
C GLY A 160 10.58 -9.13 22.64
N ASN A 161 9.30 -9.28 22.36
CA ASN A 161 8.28 -8.25 22.51
C ASN A 161 7.15 -8.86 23.31
N PRO A 162 6.31 -8.04 23.94
CA PRO A 162 5.24 -8.60 24.79
C PRO A 162 4.01 -9.03 24.00
N HIS A 163 3.42 -10.12 24.47
CA HIS A 163 2.21 -10.67 23.87
C HIS A 163 1.22 -11.02 24.95
N GLY A 164 -0.06 -10.77 24.68
CA GLY A 164 -1.14 -11.38 25.41
C GLY A 164 -1.93 -12.24 24.45
N VAL A 165 -2.35 -13.42 24.91
CA VAL A 165 -3.04 -14.35 24.04
C VAL A 165 -4.34 -14.77 24.71
N LEU A 166 -5.45 -14.56 23.98
CA LEU A 166 -6.78 -14.96 24.40
C LEU A 166 -7.27 -16.10 23.53
N ARG A 167 -7.93 -17.07 24.14
CA ARG A 167 -8.58 -18.15 23.37
C ARG A 167 -9.97 -17.70 22.97
N VAL A 168 -10.33 -17.98 21.72
CA VAL A 168 -11.64 -17.65 21.19
C VAL A 168 -12.23 -18.91 20.56
N GLU A 169 -13.55 -18.94 20.44
CA GLU A 169 -14.20 -20.09 19.84
C GLU A 169 -14.09 -20.07 18.33
N ASN A 170 -14.08 -18.89 17.72
CA ASN A 170 -13.94 -18.76 16.27
C ASN A 170 -13.26 -17.42 15.97
N VAL A 171 -12.09 -17.45 15.32
CA VAL A 171 -11.34 -16.22 15.10
C VAL A 171 -12.13 -15.25 14.24
N ASP A 172 -13.01 -15.74 13.37
CA ASP A 172 -13.74 -14.83 12.49
C ASP A 172 -14.73 -13.97 13.28
N SER A 173 -15.31 -14.51 14.34
CA SER A 173 -16.21 -13.75 15.21
C SER A 173 -15.49 -13.16 16.43
N ALA A 174 -14.17 -13.30 16.52
CA ALA A 174 -13.44 -12.71 17.62
C ALA A 174 -13.51 -11.19 17.56
N PRO A 175 -13.56 -10.50 18.72
CA PRO A 175 -13.61 -9.02 18.76
C PRO A 175 -12.23 -8.38 18.61
N VAL A 176 -11.60 -8.64 17.47
CA VAL A 176 -10.21 -8.20 17.31
C VAL A 176 -10.11 -6.69 17.31
N HIS A 177 -11.00 -6.00 16.60
CA HIS A 177 -10.91 -4.55 16.52
C HIS A 177 -11.46 -3.85 17.76
N SER A 178 -12.33 -4.52 18.52
CA SER A 178 -12.86 -3.93 19.75
C SER A 178 -11.90 -4.16 20.92
N LEU A 179 -11.71 -5.41 21.30
CA LEU A 179 -10.92 -5.73 22.49
C LEU A 179 -9.42 -5.59 22.24
N GLY A 180 -8.98 -5.80 21.00
CA GLY A 180 -7.58 -5.68 20.67
C GLY A 180 -6.95 -4.41 21.19
N PRO A 181 -7.47 -3.25 20.78
CA PRO A 181 -6.86 -1.99 21.27
C PRO A 181 -7.09 -1.75 22.76
N GLN A 182 -8.12 -2.35 23.38
CA GLN A 182 -8.32 -2.13 24.81
C GLN A 182 -7.25 -2.85 25.62
N LEU A 183 -6.87 -4.04 25.19
CA LEU A 183 -5.89 -4.81 25.93
C LEU A 183 -4.47 -4.39 25.57
N GLU A 184 -4.29 -3.91 24.33
CA GLU A 184 -2.99 -3.44 23.88
C GLU A 184 -2.39 -2.45 24.85
N VAL A 185 -3.20 -1.50 25.33
CA VAL A 185 -2.75 -0.41 26.19
C VAL A 185 -3.21 -0.62 27.64
N HIS A 186 -3.66 -1.81 27.99
CA HIS A 186 -4.10 -2.04 29.35
C HIS A 186 -2.97 -1.68 30.32
N PRO A 187 -3.27 -1.05 31.45
CA PRO A 187 -2.20 -0.69 32.39
C PRO A 187 -1.37 -1.85 32.90
N ARG A 188 -1.83 -3.11 32.81
CA ARG A 188 -0.98 -4.21 33.25
C ARG A 188 0.06 -4.60 32.22
N PHE A 189 0.04 -4.02 31.03
CA PHE A 189 1.11 -4.17 30.06
C PHE A 189 1.80 -2.83 30.02
N PRO A 190 2.79 -2.60 30.88
CA PRO A 190 3.45 -1.27 30.92
C PRO A 190 3.88 -0.75 29.58
N LYS A 191 4.45 -1.62 28.73
CA LYS A 191 4.95 -1.23 27.42
C LYS A 191 4.02 -1.62 26.29
N LYS A 192 2.73 -1.82 26.60
CA LYS A 192 1.75 -2.28 25.63
C LYS A 192 2.04 -3.73 25.25
N ALA A 193 1.18 -4.30 24.40
CA ALA A 193 1.38 -5.70 24.03
C ALA A 193 0.69 -5.96 22.72
N ASN A 194 1.23 -6.94 21.99
CA ASN A 194 0.54 -7.53 20.87
C ASN A 194 -0.50 -8.49 21.40
N ILE A 195 -1.72 -8.42 20.87
CA ILE A 195 -2.86 -9.19 21.42
C ILE A 195 -3.30 -10.23 20.40
N GLY A 196 -3.18 -11.50 20.77
CA GLY A 196 -3.53 -12.60 19.88
C GLY A 196 -4.87 -13.20 20.26
N PHE A 197 -5.64 -13.60 19.25
CA PHE A 197 -6.95 -14.27 19.39
C PHE A 197 -6.87 -15.66 18.79
N LEU A 198 -6.81 -16.68 19.63
CA LEU A 198 -6.41 -18.02 19.22
C LEU A 198 -7.61 -18.98 19.24
N GLN A 199 -7.86 -19.61 18.08
CA GLN A 199 -8.90 -20.65 17.95
C GLN A 199 -8.26 -22.03 17.82
N VAL A 200 -8.53 -22.90 18.80
CA VAL A 200 -7.96 -24.24 18.78
C VAL A 200 -8.83 -25.16 17.94
N LEU A 201 -8.26 -25.71 16.86
CA LEU A 201 -8.93 -26.73 16.04
C LEU A 201 -8.67 -28.12 16.59
N ASP A 202 -7.41 -28.41 16.90
CA ASP A 202 -7.00 -29.66 17.54
C ASP A 202 -5.62 -29.43 18.15
N PRO A 203 -5.09 -30.40 18.89
CA PRO A 203 -3.85 -30.13 19.62
C PRO A 203 -2.71 -29.68 18.72
N HIS A 204 -2.80 -29.93 17.42
CA HIS A 204 -1.71 -29.64 16.49
C HIS A 204 -2.08 -28.58 15.47
N HIS A 205 -3.25 -27.95 15.60
CA HIS A 205 -3.74 -27.06 14.55
C HIS A 205 -4.58 -25.94 15.17
N ALA A 206 -4.30 -24.70 14.75
CA ALA A 206 -5.03 -23.55 15.28
C ALA A 206 -5.06 -22.39 14.30
N ARG A 207 -6.08 -21.55 14.49
CA ARG A 207 -6.24 -20.28 13.80
C ARG A 207 -5.92 -19.09 14.70
N LEU A 208 -5.40 -18.02 14.09
CA LEU A 208 -4.97 -16.85 14.87
C LEU A 208 -5.23 -15.56 14.12
N ARG A 209 -5.61 -14.55 14.86
CA ARG A 209 -5.57 -13.16 14.45
C ARG A 209 -4.82 -12.37 15.51
N VAL A 210 -4.09 -11.33 15.10
CA VAL A 210 -3.25 -10.57 16.02
C VAL A 210 -3.49 -9.08 15.86
N TRP A 211 -3.74 -8.42 16.98
CA TRP A 211 -3.71 -6.96 17.07
C TRP A 211 -2.31 -6.55 17.47
N GLU A 212 -1.56 -6.01 16.51
CA GLU A 212 -0.18 -5.59 16.77
C GLU A 212 -0.19 -4.23 17.43
N ARG A 213 0.69 -4.06 18.40
CA ARG A 213 0.73 -2.80 19.13
C ARG A 213 1.25 -1.70 18.21
N GLY A 214 0.67 -0.53 18.35
CA GLY A 214 1.01 0.57 17.45
C GLY A 214 0.95 0.16 15.99
N VAL A 215 -0.03 -0.66 15.62
CA VAL A 215 -0.14 -1.12 14.25
C VAL A 215 -1.57 -1.52 13.91
N GLY A 216 -2.20 -2.33 14.76
CA GLY A 216 -3.50 -2.88 14.48
C GLY A 216 -3.41 -4.27 13.91
N GLU A 217 -4.51 -4.74 13.32
CA GLU A 217 -4.50 -6.10 12.77
C GLU A 217 -3.52 -6.16 11.61
N THR A 218 -2.58 -7.12 11.67
CA THR A 218 -1.39 -7.09 10.82
C THR A 218 -1.30 -8.21 9.79
N GLN A 219 -2.07 -9.28 9.95
CA GLN A 219 -2.14 -10.37 8.99
C GLN A 219 -0.91 -11.27 8.94
N ALA A 220 0.24 -10.81 9.42
CA ALA A 220 1.47 -11.60 9.26
C ALA A 220 2.43 -11.42 10.44
N CYS A 221 1.95 -11.55 11.66
CA CYS A 221 2.78 -11.36 12.84
C CYS A 221 3.37 -12.70 13.27
N GLY A 222 4.59 -13.00 12.82
CA GLY A 222 5.17 -14.30 13.11
C GLY A 222 5.47 -14.52 14.59
N THR A 223 5.90 -13.47 15.29
CA THR A 223 6.15 -13.63 16.71
C THR A 223 4.85 -13.88 17.46
N GLY A 224 3.74 -13.30 16.98
CA GLY A 224 2.44 -13.57 17.57
C GLY A 224 2.05 -15.02 17.43
N ALA A 225 2.37 -15.63 16.30
CA ALA A 225 2.11 -17.04 16.12
C ALA A 225 2.95 -17.84 17.11
N CYS A 226 4.22 -17.47 17.28
CA CYS A 226 5.05 -18.15 18.27
C CYS A 226 4.46 -18.03 19.67
N ALA A 227 4.08 -16.82 20.06
CA ALA A 227 3.51 -16.61 21.39
C ALA A 227 2.23 -17.40 21.57
N ALA A 228 1.37 -17.43 20.56
CA ALA A 228 0.12 -18.15 20.69
C ALA A 228 0.36 -19.66 20.82
N ALA A 229 1.29 -20.21 20.06
CA ALA A 229 1.57 -21.63 20.20
C ALA A 229 2.15 -21.94 21.58
N VAL A 230 3.06 -21.11 22.04
CA VAL A 230 3.64 -21.29 23.37
C VAL A 230 2.55 -21.22 24.43
N ALA A 231 1.69 -20.20 24.34
CA ALA A 231 0.60 -20.08 25.31
C ALA A 231 -0.31 -21.31 25.31
N GLY A 232 -0.70 -21.78 24.12
CA GLY A 232 -1.55 -22.94 24.03
C GLY A 232 -0.89 -24.22 24.51
N ILE A 233 0.41 -24.37 24.27
CA ILE A 233 1.11 -25.58 24.70
C ILE A 233 1.26 -25.60 26.22
N ARG A 234 1.56 -24.44 26.82
CA ARG A 234 1.69 -24.37 28.27
C ARG A 234 0.37 -24.70 28.96
N GLN A 235 -0.75 -24.35 28.32
CA GLN A 235 -2.07 -24.58 28.87
C GLN A 235 -2.69 -25.90 28.42
N GLY A 236 -1.94 -26.70 27.67
CA GLY A 236 -2.40 -28.03 27.32
C GLY A 236 -3.39 -28.10 26.19
N TRP A 237 -3.79 -26.97 25.61
CA TRP A 237 -4.70 -27.02 24.47
C TRP A 237 -4.02 -27.46 23.18
N LEU A 238 -2.69 -27.31 23.11
CA LEU A 238 -1.92 -27.61 21.92
C LEU A 238 -0.69 -28.40 22.30
N GLN A 239 -0.14 -29.11 21.33
CA GLN A 239 1.07 -29.90 21.52
C GLN A 239 1.96 -29.65 20.32
N SER A 240 3.23 -29.40 20.57
CA SER A 240 4.17 -29.16 19.48
C SER A 240 4.30 -30.41 18.61
N PRO A 241 4.38 -30.28 17.29
CA PRO A 241 4.36 -29.04 16.50
C PRO A 241 2.96 -28.62 16.19
N VAL A 242 2.74 -27.31 16.12
CA VAL A 242 1.43 -26.73 15.90
C VAL A 242 1.45 -25.97 14.59
N GLN A 243 0.43 -26.21 13.76
CA GLN A 243 0.18 -25.40 12.58
C GLN A 243 -0.72 -24.22 12.94
N ILE A 244 -0.29 -23.00 12.61
CA ILE A 244 -0.99 -21.77 12.93
C ILE A 244 -1.42 -21.10 11.64
N ASP A 245 -2.74 -20.95 11.44
CA ASP A 245 -3.25 -20.29 10.25
C ASP A 245 -3.47 -18.82 10.59
N LEU A 246 -2.67 -17.96 9.99
CA LEU A 246 -2.84 -16.52 10.05
C LEU A 246 -3.60 -16.05 8.82
N PRO A 247 -4.05 -14.80 8.82
CA PRO A 247 -4.71 -14.26 7.62
C PRO A 247 -3.84 -14.34 6.39
N GLY A 248 -2.54 -14.14 6.56
CA GLY A 248 -1.62 -14.18 5.45
C GLY A 248 -1.22 -15.55 4.98
N GLY A 249 -1.51 -16.59 5.75
CA GLY A 249 -1.15 -17.95 5.41
C GLY A 249 -0.75 -18.74 6.64
N ARG A 250 -0.09 -19.86 6.39
CA ARG A 250 0.19 -20.88 7.40
C ARG A 250 1.63 -20.83 7.90
N LEU A 251 1.79 -20.94 9.21
CA LEU A 251 3.08 -21.16 9.86
C LEU A 251 3.06 -22.48 10.60
N HIS A 252 4.23 -23.08 10.80
CA HIS A 252 4.37 -24.26 11.63
C HIS A 252 5.34 -23.98 12.77
N ILE A 253 4.92 -24.24 14.00
CA ILE A 253 5.69 -23.90 15.18
C ILE A 253 6.12 -25.17 15.90
N GLU A 254 7.37 -25.20 16.32
CA GLU A 254 7.86 -26.28 17.14
C GLU A 254 8.52 -25.72 18.39
N TRP A 255 8.25 -26.36 19.53
CA TRP A 255 8.79 -25.89 20.79
C TRP A 255 8.82 -27.08 21.74
N ALA A 256 10.00 -27.38 22.28
CA ALA A 256 10.18 -28.52 23.16
C ALA A 256 9.87 -28.19 24.61
N GLY A 257 9.49 -26.96 24.92
CA GLY A 257 9.11 -26.62 26.27
C GLY A 257 10.06 -25.61 26.89
N PRO A 258 9.79 -25.24 28.14
CA PRO A 258 10.50 -24.11 28.75
C PRO A 258 12.01 -24.19 28.56
N GLY A 259 12.61 -23.02 28.34
CA GLY A 259 14.04 -22.90 28.13
C GLY A 259 14.52 -23.26 26.74
N GLN A 260 13.69 -23.93 25.91
CA GLN A 260 14.03 -24.37 24.57
C GLN A 260 13.55 -23.35 23.53
N PRO A 261 14.29 -23.20 22.43
CA PRO A 261 13.87 -22.20 21.43
C PRO A 261 12.60 -22.61 20.70
N VAL A 262 11.85 -21.60 20.26
CA VAL A 262 10.71 -21.80 19.38
C VAL A 262 11.24 -21.78 17.95
N MET A 263 10.90 -22.81 17.19
CA MET A 263 11.26 -22.92 15.77
C MET A 263 10.03 -22.64 14.93
N MET A 264 10.14 -21.64 14.05
CA MET A 264 9.01 -21.21 13.24
C MET A 264 9.33 -21.48 11.78
N THR A 265 8.44 -22.16 11.10
CA THR A 265 8.58 -22.49 9.69
C THR A 265 7.46 -21.84 8.86
N GLY A 266 7.87 -21.16 7.77
CA GLY A 266 6.90 -20.57 6.89
C GLY A 266 7.45 -20.27 5.51
N PRO A 267 6.58 -19.74 4.66
CA PRO A 267 6.96 -19.48 3.27
C PRO A 267 7.61 -18.11 3.06
N ALA A 268 8.27 -17.99 1.90
CA ALA A 268 8.83 -16.75 1.42
C ALA A 268 8.69 -16.79 -0.09
N VAL A 269 8.19 -15.71 -0.68
CA VAL A 269 7.74 -15.72 -2.06
C VAL A 269 8.37 -14.56 -2.81
N ARG A 270 8.95 -14.85 -3.99
CA ARG A 270 9.47 -13.80 -4.85
C ARG A 270 8.34 -13.23 -5.69
N VAL A 271 8.21 -11.90 -5.71
CA VAL A 271 7.14 -11.23 -6.42
C VAL A 271 7.61 -10.70 -7.78
N TYR A 272 8.66 -9.88 -7.82
CA TYR A 272 9.21 -9.37 -9.06
C TYR A 272 10.66 -8.95 -8.81
N GLU A 273 11.36 -8.67 -9.91
CA GLU A 273 12.72 -8.16 -9.88
C GLU A 273 12.69 -6.72 -10.38
N GLY A 274 13.52 -5.87 -9.80
CA GLY A 274 13.51 -4.48 -10.17
C GLY A 274 14.90 -3.87 -10.23
N GLN A 275 14.92 -2.68 -10.80
N GLN A 275 14.94 -2.70 -10.83
CA GLN A 275 16.11 -1.84 -10.90
CA GLN A 275 16.10 -1.85 -10.85
C GLN A 275 15.69 -0.42 -10.55
C GLN A 275 15.67 -0.45 -10.50
N VAL A 276 16.40 0.19 -9.58
CA VAL A 276 16.10 1.54 -9.12
C VAL A 276 17.36 2.39 -9.17
N ARG A 277 17.22 3.62 -9.63
CA ARG A 277 18.36 4.55 -9.71
C ARG A 277 18.57 5.18 -8.34
N LEU A 278 19.80 5.08 -7.82
CA LEU A 278 20.13 5.54 -6.46
C LEU A 278 20.56 7.01 -6.47
N SER B 1 3.96 -16.45 -26.19
CA SER B 1 3.90 -16.71 -24.72
C SER B 1 5.24 -16.40 -24.07
N ALA B 2 5.46 -15.15 -23.70
CA ALA B 2 6.74 -14.73 -23.16
C ALA B 2 6.95 -15.24 -21.73
N MET B 3 8.23 -15.32 -21.34
CA MET B 3 8.60 -15.81 -20.02
C MET B 3 8.20 -14.80 -18.93
N LEU B 4 8.37 -13.54 -19.27
CA LEU B 4 8.26 -12.48 -18.30
C LEU B 4 7.84 -11.26 -19.07
N LEU B 5 7.32 -10.30 -18.33
CA LEU B 5 6.94 -9.00 -18.86
C LEU B 5 7.75 -7.92 -18.15
N ARG B 6 8.27 -7.00 -18.95
CA ARG B 6 8.92 -5.80 -18.48
C ARG B 6 7.86 -4.75 -18.23
N PHE B 7 8.01 -4.03 -17.13
CA PHE B 7 7.08 -2.97 -16.82
C PHE B 7 7.84 -1.84 -16.17
N THR B 8 7.22 -0.66 -16.19
CA THR B 8 7.74 0.52 -15.52
C THR B 8 6.75 0.97 -14.47
N LYS B 9 7.23 1.22 -13.28
CA LYS B 9 6.40 1.85 -12.25
C LYS B 9 6.55 3.37 -12.36
N MET B 10 5.42 4.08 -12.40
CA MET B 10 5.42 5.53 -12.61
C MET B 10 4.43 6.10 -11.60
N HIS B 11 4.50 7.41 -11.39
CA HIS B 11 3.40 8.04 -10.66
C HIS B 11 3.19 9.43 -11.17
N GLY B 12 1.92 9.85 -11.13
CA GLY B 12 1.52 11.22 -11.40
C GLY B 12 1.05 11.82 -10.09
N LEU B 13 1.91 12.65 -9.49
CA LEU B 13 1.67 13.27 -8.17
C LEU B 13 1.16 12.27 -7.12
N GLY B 14 1.77 11.09 -7.09
CA GLY B 14 1.44 10.10 -6.07
C GLY B 14 0.33 9.13 -6.43
N ASN B 15 -0.29 9.25 -7.60
CA ASN B 15 -1.20 8.24 -8.13
C ASN B 15 -0.30 7.28 -8.89
N ASP B 16 -0.15 6.04 -8.40
CA ASP B 16 0.89 5.16 -8.94
C ASP B 16 0.41 4.10 -9.91
N PHE B 17 1.18 3.94 -10.98
CA PHE B 17 0.81 3.14 -12.14
C PHE B 17 1.86 2.08 -12.42
N MET B 18 1.40 0.88 -12.72
CA MET B 18 2.24 -0.09 -13.41
C MET B 18 1.96 0.06 -14.90
N VAL B 19 3.01 0.27 -15.69
CA VAL B 19 2.87 0.59 -17.12
C VAL B 19 3.54 -0.50 -17.93
N LEU B 20 2.83 -0.99 -18.94
CA LEU B 20 3.30 -2.08 -19.79
C LEU B 20 3.29 -1.66 -21.24
N ASP B 21 4.41 -1.88 -21.92
CA ASP B 21 4.56 -1.71 -23.36
C ASP B 21 4.20 -3.05 -23.99
N LEU B 22 2.97 -3.14 -24.48
CA LEU B 22 2.53 -4.30 -25.25
C LEU B 22 2.55 -4.01 -26.74
N VAL B 23 3.20 -2.91 -27.14
CA VAL B 23 3.58 -2.71 -28.53
C VAL B 23 4.74 -3.63 -28.86
N SER B 24 5.80 -3.57 -28.04
CA SER B 24 7.01 -4.35 -28.31
C SER B 24 6.95 -5.76 -27.74
N GLN B 25 6.18 -5.97 -26.69
CA GLN B 25 6.00 -7.28 -26.08
C GLN B 25 4.66 -7.82 -26.53
N HIS B 26 4.58 -9.12 -26.71
CA HIS B 26 3.31 -9.76 -27.05
C HIS B 26 2.86 -10.57 -25.85
N ALA B 27 1.66 -10.26 -25.34
CA ALA B 27 1.08 -11.04 -24.27
C ALA B 27 -0.40 -10.69 -24.13
N HIS B 28 -1.15 -11.65 -23.60
CA HIS B 28 -2.56 -11.47 -23.26
C HIS B 28 -2.64 -11.44 -21.74
N VAL B 29 -2.75 -10.25 -21.18
CA VAL B 29 -2.89 -10.09 -19.74
C VAL B 29 -4.33 -10.40 -19.36
N GLN B 30 -4.50 -11.37 -18.46
CA GLN B 30 -5.82 -11.79 -18.03
C GLN B 30 -6.22 -11.04 -16.76
N PRO B 31 -7.53 -10.83 -16.56
CA PRO B 31 -7.99 -10.20 -15.31
C PRO B 31 -7.28 -10.77 -14.10
N LYS B 32 -7.01 -12.07 -14.16
CA LYS B 32 -6.32 -12.74 -13.05
C LYS B 32 -5.03 -12.04 -12.75
N HIS B 33 -4.29 -11.64 -13.79
CA HIS B 33 -3.00 -11.00 -13.60
C HIS B 33 -3.17 -9.63 -12.97
N VAL B 34 -4.16 -8.87 -13.42
CA VAL B 34 -4.35 -7.53 -12.86
C VAL B 34 -4.52 -7.65 -11.35
N LYS B 35 -5.35 -8.61 -10.91
CA LYS B 35 -5.62 -8.74 -9.49
C LYS B 35 -4.41 -9.22 -8.72
N LEU B 36 -3.65 -10.13 -9.29
CA LEU B 36 -2.43 -10.59 -8.62
C LEU B 36 -1.42 -9.45 -8.52
N TRP B 37 -1.19 -8.74 -9.62
CA TRP B 37 -0.12 -7.74 -9.61
C TRP B 37 -0.52 -6.51 -8.82
N GLY B 38 -1.83 -6.22 -8.71
CA GLY B 38 -2.26 -5.01 -8.04
C GLY B 38 -2.14 -5.02 -6.53
N ASP B 39 -2.12 -6.20 -5.94
CA ASP B 39 -2.10 -6.35 -4.49
C ASP B 39 -0.82 -5.77 -3.93
N ARG B 40 -0.98 -4.87 -2.97
CA ARG B 40 0.20 -4.22 -2.42
C ARG B 40 0.98 -5.12 -1.48
N ASN B 41 0.33 -6.13 -0.91
CA ASN B 41 1.05 -7.01 -0.02
C ASN B 41 1.79 -8.08 -0.79
N THR B 42 1.12 -8.70 -1.77
CA THR B 42 1.67 -9.85 -2.46
C THR B 42 1.94 -9.62 -3.93
N GLY B 43 1.79 -8.39 -4.41
CA GLY B 43 1.99 -8.07 -5.80
C GLY B 43 2.92 -6.91 -6.03
N VAL B 44 2.88 -6.40 -7.25
CA VAL B 44 3.64 -5.20 -7.58
C VAL B 44 3.16 -4.04 -6.73
N GLY B 45 1.83 -3.88 -6.63
CA GLY B 45 1.19 -2.78 -5.91
C GLY B 45 1.04 -1.57 -6.81
N PHE B 46 -0.21 -1.23 -7.13
CA PHE B 46 -0.47 -0.06 -7.95
C PHE B 46 -1.91 0.39 -7.67
N ASP B 47 -2.17 1.67 -7.96
CA ASP B 47 -3.55 2.16 -8.12
C ASP B 47 -4.16 1.70 -9.41
N GLN B 48 -3.43 1.86 -10.53
CA GLN B 48 -3.88 1.45 -11.84
C GLN B 48 -2.78 0.76 -12.63
N LEU B 49 -3.24 -0.08 -13.54
CA LEU B 49 -2.40 -0.70 -14.55
C LEU B 49 -2.72 -0.06 -15.89
N LEU B 50 -1.66 0.37 -16.58
CA LEU B 50 -1.83 1.04 -17.86
C LEU B 50 -1.14 0.19 -18.91
N ILE B 51 -1.89 -0.20 -19.94
CA ILE B 51 -1.36 -1.04 -21.01
C ILE B 51 -1.34 -0.24 -22.29
N VAL B 52 -0.15 -0.14 -22.89
CA VAL B 52 0.04 0.56 -24.15
C VAL B 52 0.03 -0.45 -25.29
N GLU B 53 -0.76 -0.16 -26.31
CA GLU B 53 -0.93 -1.07 -27.42
C GLU B 53 -0.85 -0.31 -28.75
N ALA B 54 -0.75 -1.07 -29.83
CA ALA B 54 -0.74 -0.48 -31.15
C ALA B 54 -2.13 0.07 -31.49
N PRO B 55 -2.19 1.16 -32.23
CA PRO B 55 -3.49 1.75 -32.54
C PRO B 55 -4.33 0.77 -33.37
N SER B 56 -5.43 0.30 -32.79
CA SER B 56 -6.41 -0.52 -33.53
C SER B 56 -7.39 0.38 -34.27
N SER B 57 -6.81 1.30 -35.05
CA SER B 57 -7.49 2.46 -35.61
C SER B 57 -6.47 3.26 -36.39
N PRO B 58 -6.85 3.92 -37.48
CA PRO B 58 -5.90 4.75 -38.21
C PRO B 58 -5.90 6.20 -37.71
N ASP B 59 -4.84 6.92 -38.07
CA ASP B 59 -4.67 8.33 -37.70
C ASP B 59 -4.68 8.52 -36.18
N VAL B 60 -4.25 7.50 -35.46
CA VAL B 60 -4.07 7.54 -34.02
C VAL B 60 -2.69 6.98 -33.75
N ASP B 61 -2.04 7.50 -32.72
CA ASP B 61 -0.67 7.09 -32.47
C ASP B 61 -0.58 5.82 -31.65
N PHE B 62 -1.46 5.66 -30.67
CA PHE B 62 -1.43 4.52 -29.76
C PHE B 62 -2.83 4.28 -29.26
N ARG B 63 -3.02 3.10 -28.65
CA ARG B 63 -4.18 2.76 -27.85
C ARG B 63 -3.72 2.52 -26.42
N TYR B 64 -4.51 2.88 -25.43
CA TYR B 64 -4.24 2.34 -24.11
C TYR B 64 -5.51 1.96 -23.38
N ARG B 65 -5.33 1.04 -22.45
CA ARG B 65 -6.36 0.56 -21.56
C ARG B 65 -5.83 0.72 -20.14
N ILE B 66 -6.73 1.07 -19.24
CA ILE B 66 -6.43 1.29 -17.83
C ILE B 66 -7.32 0.40 -16.98
N PHE B 67 -6.72 -0.32 -16.05
CA PHE B 67 -7.42 -1.18 -15.12
C PHE B 67 -7.12 -0.77 -13.69
N ASN B 68 -8.12 -0.84 -12.81
N ASN B 68 -8.13 -0.87 -12.82
CA ASN B 68 -7.84 -0.64 -11.41
CA ASN B 68 -7.90 -0.69 -11.41
C ASN B 68 -7.35 -1.95 -10.79
C ASN B 68 -7.37 -1.98 -10.79
N ALA B 69 -6.89 -1.88 -9.55
CA ALA B 69 -6.33 -3.05 -8.90
C ALA B 69 -7.35 -4.16 -8.70
N ASP B 70 -8.64 -3.88 -8.79
CA ASP B 70 -9.63 -4.94 -8.66
C ASP B 70 -10.07 -5.51 -10.00
N GLY B 71 -9.40 -5.15 -11.09
CA GLY B 71 -9.63 -5.76 -12.38
C GLY B 71 -10.55 -4.98 -13.29
N SER B 72 -11.21 -3.95 -12.79
CA SER B 72 -12.21 -3.25 -13.59
C SER B 72 -11.57 -2.14 -14.42
N GLU B 73 -12.16 -1.89 -15.60
CA GLU B 73 -11.61 -0.97 -16.59
C GLU B 73 -12.17 0.44 -16.36
N VAL B 74 -11.88 0.96 -15.18
CA VAL B 74 -12.35 2.25 -14.69
C VAL B 74 -11.11 3.08 -14.37
N GLU B 75 -11.20 4.39 -14.60
CA GLU B 75 -10.12 5.32 -14.27
C GLU B 75 -10.78 6.61 -13.80
N GLN B 76 -10.90 6.77 -12.49
CA GLN B 76 -11.66 7.87 -11.93
C GLN B 76 -10.96 9.21 -12.09
N CYS B 77 -9.71 9.30 -11.65
CA CYS B 77 -9.08 10.62 -11.60
C CYS B 77 -8.33 11.02 -12.85
N GLY B 78 -8.21 10.17 -13.86
CA GLY B 78 -7.75 10.62 -15.15
C GLY B 78 -6.32 11.09 -15.23
N ASN B 79 -5.43 10.59 -14.36
CA ASN B 79 -4.02 10.96 -14.39
C ASN B 79 -3.16 10.04 -15.25
N GLY B 80 -3.72 8.92 -15.71
CA GLY B 80 -2.93 7.95 -16.43
C GLY B 80 -2.44 8.47 -17.77
N ALA B 81 -3.16 9.42 -18.37
CA ALA B 81 -2.71 9.95 -19.64
C ALA B 81 -1.32 10.57 -19.53
N ARG B 82 -0.99 11.18 -18.40
CA ARG B 82 0.29 11.82 -18.30
C ARG B 82 1.40 10.77 -18.15
N CYS B 83 1.16 9.72 -17.36
CA CYS B 83 2.14 8.66 -17.29
C CYS B 83 2.34 7.99 -18.64
N PHE B 84 1.24 7.76 -19.40
CA PHE B 84 1.34 7.19 -20.74
C PHE B 84 2.28 8.02 -21.62
N ALA B 85 2.06 9.33 -21.64
CA ALA B 85 2.81 10.19 -22.52
C ALA B 85 4.29 10.15 -22.18
N ARG B 86 4.62 10.26 -20.90
CA ARG B 86 6.03 10.22 -20.51
C ARG B 86 6.63 8.86 -20.80
N PHE B 87 5.83 7.80 -20.65
CA PHE B 87 6.29 6.45 -20.94
C PHE B 87 6.63 6.28 -22.41
N VAL B 88 5.73 6.65 -23.33
CA VAL B 88 6.04 6.39 -24.74
C VAL B 88 7.20 7.28 -25.18
N GLN B 89 7.38 8.45 -24.57
CA GLN B 89 8.56 9.26 -24.87
C GLN B 89 9.81 8.62 -24.30
N ASP B 90 9.80 8.27 -23.00
CA ASP B 90 10.96 7.71 -22.31
C ASP B 90 11.45 6.42 -22.99
N LYS B 91 10.53 5.57 -23.41
CA LYS B 91 10.83 4.32 -24.10
C LYS B 91 11.05 4.51 -25.61
N ARG B 92 10.98 5.76 -26.10
N ARG B 92 11.00 5.76 -26.08
CA ARG B 92 11.31 6.10 -27.48
CA ARG B 92 11.30 6.11 -27.47
C ARG B 92 10.41 5.35 -28.47
C ARG B 92 10.43 5.34 -28.46
N LEU B 93 9.13 5.22 -28.11
CA LEU B 93 8.15 4.65 -29.01
C LEU B 93 7.60 5.69 -29.99
N THR B 94 7.83 6.97 -29.71
CA THR B 94 7.43 8.05 -30.58
C THR B 94 8.36 9.21 -30.32
N VAL B 95 8.54 10.03 -31.37
CA VAL B 95 9.18 11.32 -31.22
C VAL B 95 8.18 12.47 -31.19
N LYS B 96 6.88 12.19 -31.31
CA LYS B 96 5.90 13.25 -31.29
C LYS B 96 5.76 13.85 -29.90
N LYS B 97 5.58 15.18 -29.85
CA LYS B 97 5.20 15.87 -28.63
C LYS B 97 3.69 16.03 -28.48
N SER B 98 2.95 16.09 -29.60
CA SER B 98 1.49 16.08 -29.62
C SER B 98 1.07 14.70 -30.06
N ILE B 99 0.38 13.98 -29.17
CA ILE B 99 0.02 12.58 -29.32
C ILE B 99 -1.49 12.40 -29.24
N ARG B 100 -2.02 11.59 -30.14
CA ARG B 100 -3.43 11.23 -30.12
C ARG B 100 -3.55 9.75 -29.79
N VAL B 101 -4.31 9.46 -28.74
CA VAL B 101 -4.39 8.11 -28.21
C VAL B 101 -5.86 7.69 -28.13
N GLU B 102 -6.13 6.50 -28.64
CA GLU B 102 -7.45 5.90 -28.53
C GLU B 102 -7.61 5.24 -27.16
N THR B 103 -8.71 5.59 -26.49
CA THR B 103 -9.02 5.07 -25.20
C THR B 103 -10.43 4.47 -25.23
N LYS B 104 -10.84 3.97 -24.09
CA LYS B 104 -12.17 3.41 -23.95
C LYS B 104 -13.24 4.45 -24.27
N GLY B 105 -13.16 5.61 -23.63
CA GLY B 105 -14.16 6.65 -23.79
C GLY B 105 -14.09 7.42 -25.11
N GLY B 106 -12.95 7.36 -25.80
CA GLY B 106 -12.80 8.12 -27.01
C GLY B 106 -11.36 8.38 -27.33
N ILE B 107 -11.05 9.59 -27.75
CA ILE B 107 -9.71 9.95 -28.16
C ILE B 107 -9.20 10.99 -27.17
N ILE B 108 -8.00 10.78 -26.64
CA ILE B 108 -7.33 11.76 -25.80
C ILE B 108 -6.28 12.44 -26.66
N GLU B 109 -6.26 13.78 -26.62
CA GLU B 109 -5.21 14.59 -27.20
C GLU B 109 -4.32 15.07 -26.09
N LEU B 110 -3.00 14.93 -26.25
CA LEU B 110 -2.12 15.40 -25.20
C LEU B 110 -0.87 15.97 -25.84
N ASN B 111 -0.13 16.73 -25.03
CA ASN B 111 1.05 17.42 -25.50
C ASN B 111 2.10 17.34 -24.40
N ILE B 112 3.29 16.87 -24.75
CA ILE B 112 4.43 16.89 -23.87
C ILE B 112 5.17 18.21 -24.00
N ARG B 113 5.36 18.91 -22.90
CA ARG B 113 6.03 20.21 -22.90
C ARG B 113 7.53 20.07 -22.72
N PRO B 114 8.27 21.12 -23.11
CA PRO B 114 9.74 21.08 -22.94
C PRO B 114 10.19 20.87 -21.49
N ASP B 115 9.42 21.34 -20.50
CA ASP B 115 9.80 21.17 -19.11
C ASP B 115 9.46 19.78 -18.59
N GLY B 116 8.90 18.92 -19.44
CA GLY B 116 8.60 17.56 -19.09
C GLY B 116 7.18 17.31 -18.60
N GLN B 117 6.40 18.35 -18.34
CA GLN B 117 5.03 18.09 -17.94
C GLN B 117 4.18 17.80 -19.16
N VAL B 118 2.97 17.26 -18.91
CA VAL B 118 2.07 16.78 -19.94
C VAL B 118 0.75 17.53 -19.80
N THR B 119 0.29 18.12 -20.89
CA THR B 119 -1.03 18.76 -20.95
C THR B 119 -2.02 17.78 -21.58
N VAL B 120 -3.14 17.57 -20.91
CA VAL B 120 -4.14 16.61 -21.33
C VAL B 120 -5.46 17.36 -21.53
N ASP B 121 -6.12 17.12 -22.67
CA ASP B 121 -7.47 17.65 -22.91
C ASP B 121 -8.47 16.77 -22.17
N MET B 122 -9.14 17.35 -21.15
CA MET B 122 -10.02 16.58 -20.30
C MET B 122 -11.52 16.71 -20.72
N GLY B 123 -11.81 17.41 -21.82
CA GLY B 123 -13.15 17.62 -22.31
C GLY B 123 -13.85 18.76 -21.56
N PRO B 124 -14.98 19.22 -22.10
CA PRO B 124 -15.74 20.23 -21.39
C PRO B 124 -16.43 19.68 -20.18
N PRO B 125 -16.68 20.51 -19.17
CA PRO B 125 -17.42 20.06 -18.01
C PRO B 125 -18.91 19.99 -18.29
N ARG B 126 -19.59 19.16 -17.52
CA ARG B 126 -21.03 19.08 -17.56
C ARG B 126 -21.56 19.69 -16.29
N LEU B 127 -22.50 20.62 -16.43
CA LEU B 127 -22.91 21.47 -15.35
C LEU B 127 -24.39 21.31 -14.98
N ALA B 128 -25.18 20.74 -15.85
CA ALA B 128 -26.58 20.55 -15.56
C ALA B 128 -26.73 19.51 -14.46
N PRO B 129 -27.46 19.78 -13.37
CA PRO B 129 -27.38 18.85 -12.23
C PRO B 129 -27.76 17.41 -12.56
N ALA B 130 -28.85 17.19 -13.28
CA ALA B 130 -29.30 15.82 -13.50
C ALA B 130 -28.29 14.99 -14.28
N GLU B 131 -27.38 15.64 -15.02
N GLU B 131 -27.39 15.60 -15.04
CA GLU B 131 -26.38 14.96 -15.81
CA GLU B 131 -26.43 14.79 -15.76
C GLU B 131 -25.15 14.56 -15.00
C GLU B 131 -25.09 14.66 -15.04
N ILE B 132 -25.02 15.10 -13.79
CA ILE B 132 -23.80 14.93 -13.00
C ILE B 132 -23.61 13.49 -12.50
N PRO B 133 -24.59 12.82 -11.91
CA PRO B 133 -25.94 13.28 -11.51
C PRO B 133 -26.02 13.81 -10.12
N PHE B 134 -26.90 14.78 -9.92
CA PHE B 134 -27.09 15.46 -8.65
C PHE B 134 -28.52 15.95 -8.64
N GLN B 135 -29.15 15.85 -7.48
N GLN B 135 -29.17 15.82 -7.49
CA GLN B 135 -30.55 16.25 -7.29
CA GLN B 135 -30.54 16.26 -7.35
C GLN B 135 -30.61 17.73 -6.93
C GLN B 135 -30.58 17.73 -6.97
N ALA B 136 -31.20 18.53 -7.81
CA ALA B 136 -31.39 19.96 -7.56
C ALA B 136 -32.58 20.39 -8.41
N GLU B 137 -33.18 21.52 -8.03
CA GLU B 137 -34.34 22.02 -8.75
C GLU B 137 -33.96 22.58 -10.12
N ARG B 138 -32.79 23.25 -10.21
CA ARG B 138 -32.32 23.86 -11.44
C ARG B 138 -30.81 24.09 -11.35
N GLU B 139 -30.18 24.23 -12.52
CA GLU B 139 -28.75 24.48 -12.55
C GLU B 139 -28.42 25.78 -11.82
N ALA B 140 -27.34 25.75 -11.04
CA ALA B 140 -26.93 26.91 -10.26
C ALA B 140 -25.43 26.85 -10.08
N LEU B 141 -24.82 28.00 -9.76
CA LEU B 141 -23.38 28.02 -9.48
C LEU B 141 -23.03 27.30 -8.19
N SER B 142 -23.96 27.26 -7.25
CA SER B 142 -23.76 26.67 -5.95
C SER B 142 -25.10 26.12 -5.48
N TYR B 143 -25.06 25.09 -4.66
CA TYR B 143 -26.25 24.46 -4.10
C TYR B 143 -26.15 24.34 -2.59
N GLU B 144 -27.23 24.70 -1.90
CA GLU B 144 -27.33 24.50 -0.49
C GLU B 144 -27.71 23.05 -0.22
N ILE B 145 -26.93 22.37 0.60
CA ILE B 145 -27.21 20.98 0.92
C ILE B 145 -27.10 20.75 2.42
N GLU B 146 -28.09 20.04 2.96
CA GLU B 146 -28.16 19.73 4.38
C GLU B 146 -27.54 18.35 4.58
N VAL B 147 -26.47 18.28 5.37
CA VAL B 147 -25.74 17.04 5.57
C VAL B 147 -25.78 16.75 7.07
N ASN B 148 -26.73 15.93 7.52
CA ASN B 148 -26.84 15.53 8.92
C ASN B 148 -26.76 16.73 9.87
N GLY B 149 -27.49 17.79 9.56
CA GLY B 149 -27.58 18.94 10.44
C GLY B 149 -26.67 20.09 10.07
N GLN B 150 -25.74 19.90 9.15
CA GLN B 150 -24.84 20.93 8.68
C GLN B 150 -25.31 21.41 7.33
N ARG B 151 -25.45 22.70 7.17
CA ARG B 151 -25.75 23.27 5.86
C ARG B 151 -24.41 23.59 5.18
N VAL B 152 -24.23 23.08 3.99
CA VAL B 152 -23.01 23.25 3.20
C VAL B 152 -23.42 23.90 1.88
N GLU B 153 -22.53 24.73 1.34
CA GLU B 153 -22.70 25.23 -0.01
C GLU B 153 -21.73 24.48 -0.90
N LEU B 154 -22.25 23.84 -1.93
CA LEU B 154 -21.49 22.90 -2.72
C LEU B 154 -21.71 23.23 -4.19
N ALA B 155 -20.65 23.23 -5.00
CA ALA B 155 -20.81 23.28 -6.44
C ALA B 155 -20.81 21.83 -6.94
N ALA B 156 -21.56 21.57 -8.00
CA ALA B 156 -21.63 20.21 -8.54
C ALA B 156 -21.21 20.29 -9.99
N VAL B 157 -20.27 19.44 -10.38
CA VAL B 157 -19.68 19.45 -11.71
C VAL B 157 -19.38 18.01 -12.10
N SER B 158 -19.51 17.69 -13.40
CA SER B 158 -19.09 16.39 -13.92
C SER B 158 -17.97 16.58 -14.94
N MET B 159 -16.89 15.85 -14.75
CA MET B 159 -15.81 15.66 -15.75
C MET B 159 -15.85 14.31 -16.39
N GLY B 160 -17.06 13.75 -16.47
CA GLY B 160 -17.29 12.38 -16.83
C GLY B 160 -17.62 11.49 -15.66
N ASN B 161 -17.39 11.99 -14.45
CA ASN B 161 -17.76 11.38 -13.19
C ASN B 161 -18.20 12.52 -12.30
N PRO B 162 -18.95 12.24 -11.23
CA PRO B 162 -19.55 13.29 -10.40
C PRO B 162 -18.58 13.85 -9.39
N HIS B 163 -18.58 15.19 -9.28
CA HIS B 163 -17.83 15.89 -8.25
C HIS B 163 -18.70 16.88 -7.52
N GLY B 164 -18.49 17.01 -6.24
CA GLY B 164 -18.97 18.16 -5.47
C GLY B 164 -17.77 18.89 -4.89
N VAL B 165 -17.82 20.21 -4.91
CA VAL B 165 -16.68 21.03 -4.53
C VAL B 165 -17.17 22.04 -3.51
N LEU B 166 -16.55 22.05 -2.33
CA LEU B 166 -16.85 23.07 -1.35
C LEU B 166 -15.64 23.90 -1.02
N ARG B 167 -15.89 25.18 -0.83
CA ARG B 167 -14.83 26.09 -0.47
C ARG B 167 -14.56 26.01 1.01
N VAL B 168 -13.27 26.02 1.37
CA VAL B 168 -12.87 26.00 2.77
C VAL B 168 -11.90 27.15 2.99
N GLU B 169 -11.90 27.66 4.21
CA GLU B 169 -10.94 28.70 4.56
C GLU B 169 -9.52 28.14 4.67
N ASN B 170 -9.37 26.84 4.95
N ASN B 170 -9.36 26.91 5.14
CA ASN B 170 -8.09 26.27 5.36
CA ASN B 170 -8.03 26.33 5.25
C ASN B 170 -8.05 24.79 4.98
C ASN B 170 -8.11 24.86 4.91
N VAL B 171 -7.39 24.47 3.87
CA VAL B 171 -7.42 23.09 3.39
C VAL B 171 -6.79 22.11 4.38
N ASP B 172 -5.81 22.58 5.18
CA ASP B 172 -5.14 21.67 6.10
C ASP B 172 -6.01 21.27 7.27
N SER B 173 -6.94 22.13 7.67
CA SER B 173 -7.87 21.78 8.75
C SER B 173 -9.28 21.48 8.25
N ALA B 174 -9.46 21.30 6.94
CA ALA B 174 -10.78 21.05 6.38
C ALA B 174 -11.29 19.68 6.80
N PRO B 175 -12.62 19.51 6.90
CA PRO B 175 -13.16 18.22 7.37
C PRO B 175 -13.25 17.17 6.27
N VAL B 176 -12.12 16.84 5.66
CA VAL B 176 -12.07 15.92 4.53
C VAL B 176 -12.54 14.54 4.95
N HIS B 177 -12.01 14.03 6.05
CA HIS B 177 -12.31 12.66 6.45
C HIS B 177 -13.66 12.54 7.16
N SER B 178 -14.23 13.64 7.66
CA SER B 178 -15.54 13.57 8.29
C SER B 178 -16.65 13.90 7.30
N LEU B 179 -16.57 15.04 6.63
CA LEU B 179 -17.62 15.45 5.70
C LEU B 179 -17.48 14.77 4.33
N GLY B 180 -16.26 14.46 3.88
CA GLY B 180 -16.04 13.72 2.67
C GLY B 180 -16.99 12.55 2.50
N PRO B 181 -16.90 11.56 3.40
CA PRO B 181 -17.73 10.37 3.26
C PRO B 181 -19.20 10.64 3.46
N GLN B 182 -19.56 11.67 4.21
CA GLN B 182 -20.98 11.97 4.36
C GLN B 182 -21.55 12.49 3.06
N LEU B 183 -20.81 13.38 2.39
CA LEU B 183 -21.28 13.89 1.11
C LEU B 183 -21.13 12.87 -0.01
N GLU B 184 -20.11 12.02 0.05
CA GLU B 184 -19.89 11.04 -1.01
C GLU B 184 -21.15 10.23 -1.26
N VAL B 185 -21.81 9.79 -0.20
CA VAL B 185 -23.00 8.94 -0.33
C VAL B 185 -24.29 9.69 -0.02
N HIS B 186 -24.27 11.00 -0.03
CA HIS B 186 -25.48 11.75 0.21
C HIS B 186 -26.55 11.36 -0.79
N PRO B 187 -27.82 11.23 -0.36
CA PRO B 187 -28.88 10.84 -1.29
C PRO B 187 -28.97 11.71 -2.55
N ARG B 188 -28.61 12.99 -2.44
CA ARG B 188 -28.70 13.87 -3.61
C ARG B 188 -27.65 13.56 -4.66
N PHE B 189 -26.70 12.67 -4.38
CA PHE B 189 -25.75 12.16 -5.37
C PHE B 189 -26.09 10.71 -5.69
N PRO B 190 -26.98 10.44 -6.64
CA PRO B 190 -27.44 9.05 -6.80
C PRO B 190 -26.40 8.07 -7.31
N LYS B 191 -25.28 8.53 -7.89
CA LYS B 191 -24.16 7.64 -8.20
C LYS B 191 -22.92 7.94 -7.33
N LYS B 192 -23.12 8.63 -6.21
CA LYS B 192 -22.10 9.03 -5.25
C LYS B 192 -21.27 10.12 -5.92
N ALA B 193 -20.23 10.61 -5.26
CA ALA B 193 -19.48 11.75 -5.78
C ALA B 193 -18.12 11.79 -5.15
N ASN B 194 -17.16 12.30 -5.92
CA ASN B 194 -15.87 12.75 -5.40
C ASN B 194 -16.09 14.12 -4.76
N ILE B 195 -15.53 14.34 -3.57
CA ILE B 195 -15.78 15.58 -2.84
C ILE B 195 -14.49 16.35 -2.67
N GLY B 196 -14.44 17.56 -3.23
CA GLY B 196 -13.27 18.40 -3.18
C GLY B 196 -13.43 19.51 -2.16
N PHE B 197 -12.34 19.83 -1.50
CA PHE B 197 -12.25 20.87 -0.50
C PHE B 197 -11.21 21.89 -0.96
N LEU B 198 -11.70 23.07 -1.34
CA LEU B 198 -10.95 24.02 -2.17
C LEU B 198 -10.65 25.25 -1.36
N GLN B 199 -9.38 25.58 -1.25
CA GLN B 199 -8.95 26.80 -0.58
C GLN B 199 -8.38 27.75 -1.62
N VAL B 200 -8.99 28.91 -1.76
CA VAL B 200 -8.57 29.89 -2.76
C VAL B 200 -7.50 30.76 -2.12
N LEU B 201 -6.33 30.85 -2.77
CA LEU B 201 -5.29 31.78 -2.32
C LEU B 201 -5.36 33.12 -3.05
N ASP B 202 -5.62 33.11 -4.33
CA ASP B 202 -5.81 34.28 -5.19
C ASP B 202 -6.45 33.73 -6.45
N PRO B 203 -6.83 34.57 -7.41
CA PRO B 203 -7.62 34.04 -8.53
C PRO B 203 -6.90 32.99 -9.36
N HIS B 204 -5.56 32.91 -9.29
CA HIS B 204 -4.81 32.00 -10.12
C HIS B 204 -4.15 30.90 -9.33
N HIS B 205 -4.44 30.77 -8.02
N HIS B 205 -4.40 30.82 -8.02
CA HIS B 205 -3.76 29.80 -7.18
CA HIS B 205 -3.79 29.81 -7.17
C HIS B 205 -4.63 29.28 -6.05
C HIS B 205 -4.80 29.27 -6.17
N ALA B 206 -4.78 27.96 -5.96
CA ALA B 206 -5.64 27.33 -4.97
C ALA B 206 -4.97 26.07 -4.44
N ARG B 207 -5.44 25.61 -3.28
CA ARG B 207 -5.06 24.35 -2.65
C ARG B 207 -6.29 23.45 -2.58
N LEU B 208 -6.11 22.16 -2.75
CA LEU B 208 -7.25 21.24 -2.91
C LEU B 208 -6.93 19.90 -2.26
N ARG B 209 -7.92 19.34 -1.55
CA ARG B 209 -7.87 17.96 -1.08
C ARG B 209 -9.14 17.34 -1.63
N VAL B 210 -9.07 16.07 -2.01
CA VAL B 210 -10.21 15.37 -2.58
C VAL B 210 -10.47 14.05 -1.87
N TRP B 211 -11.71 13.86 -1.47
CA TRP B 211 -12.22 12.57 -1.00
C TRP B 211 -12.76 11.82 -2.21
N GLU B 212 -12.06 10.78 -2.65
CA GLU B 212 -12.39 10.06 -3.87
C GLU B 212 -13.44 8.99 -3.61
N ARG B 213 -14.44 8.96 -4.48
CA ARG B 213 -15.52 8.01 -4.40
C ARG B 213 -14.96 6.60 -4.35
N GLY B 214 -15.36 5.86 -3.33
CA GLY B 214 -14.98 4.49 -3.16
C GLY B 214 -13.58 4.26 -2.64
N VAL B 215 -12.80 5.31 -2.39
CA VAL B 215 -11.39 5.19 -2.08
C VAL B 215 -11.03 5.95 -0.82
N GLY B 216 -11.54 7.17 -0.67
CA GLY B 216 -11.12 8.05 0.42
C GLY B 216 -10.15 9.10 -0.08
N GLU B 217 -9.37 9.68 0.84
CA GLU B 217 -8.51 10.78 0.40
C GLU B 217 -7.37 10.26 -0.48
N THR B 218 -7.12 10.94 -1.60
CA THR B 218 -6.06 10.58 -2.51
C THR B 218 -5.05 11.71 -2.63
N GLN B 219 -3.90 11.36 -3.20
CA GLN B 219 -2.80 12.33 -3.30
C GLN B 219 -3.05 13.37 -4.38
N ALA B 220 -3.72 12.99 -5.45
CA ALA B 220 -3.88 13.91 -6.54
C ALA B 220 -4.90 13.38 -7.52
N CYS B 221 -6.13 13.85 -7.38
CA CYS B 221 -7.22 13.53 -8.27
C CYS B 221 -7.28 14.56 -9.40
N GLY B 222 -6.83 14.17 -10.60
CA GLY B 222 -6.85 15.11 -11.73
C GLY B 222 -8.23 15.64 -12.04
N THR B 223 -9.20 14.75 -12.23
CA THR B 223 -10.54 15.24 -12.56
C THR B 223 -11.10 16.09 -11.43
N GLY B 224 -10.76 15.77 -10.18
CA GLY B 224 -11.15 16.65 -9.07
C GLY B 224 -10.55 18.05 -9.14
N ALA B 225 -9.27 18.14 -9.48
CA ALA B 225 -8.66 19.45 -9.72
C ALA B 225 -9.35 20.18 -10.86
N CYS B 226 -9.68 19.47 -11.94
CA CYS B 226 -10.45 20.08 -13.01
C CYS B 226 -11.79 20.61 -12.50
N ALA B 227 -12.54 19.77 -11.80
CA ALA B 227 -13.85 20.16 -11.30
C ALA B 227 -13.75 21.36 -10.38
N ALA B 228 -12.78 21.33 -9.46
CA ALA B 228 -12.62 22.45 -8.53
C ALA B 228 -12.26 23.76 -9.25
N ALA B 229 -11.42 23.69 -10.28
CA ALA B 229 -11.11 24.89 -11.03
C ALA B 229 -12.34 25.42 -11.76
N VAL B 230 -13.09 24.52 -12.39
CA VAL B 230 -14.32 24.90 -13.06
C VAL B 230 -15.27 25.53 -12.06
N ALA B 231 -15.44 24.89 -10.89
CA ALA B 231 -16.40 25.42 -9.92
C ALA B 231 -15.96 26.80 -9.43
N GLY B 232 -14.68 26.98 -9.22
CA GLY B 232 -14.16 28.28 -8.78
C GLY B 232 -14.22 29.36 -9.85
N ILE B 233 -13.98 29.01 -11.11
CA ILE B 233 -14.12 29.97 -12.18
C ILE B 233 -15.56 30.40 -12.36
N ARG B 234 -16.49 29.44 -12.30
CA ARG B 234 -17.89 29.79 -12.47
C ARG B 234 -18.38 30.74 -11.38
N GLN B 235 -17.84 30.64 -10.18
CA GLN B 235 -18.24 31.47 -9.07
C GLN B 235 -17.42 32.75 -8.97
N GLY B 236 -16.44 32.92 -9.85
CA GLY B 236 -15.61 34.10 -9.89
C GLY B 236 -14.48 34.12 -8.89
N TRP B 237 -14.32 33.06 -8.10
CA TRP B 237 -13.21 32.98 -7.17
C TRP B 237 -11.87 32.84 -7.88
N LEU B 238 -11.87 32.23 -9.05
CA LEU B 238 -10.71 31.81 -9.77
C LEU B 238 -10.85 32.32 -11.19
N GLN B 239 -9.68 32.49 -11.81
CA GLN B 239 -9.59 32.85 -13.22
C GLN B 239 -8.59 31.91 -13.89
N SER B 240 -8.89 31.49 -15.09
CA SER B 240 -7.97 30.61 -15.79
C SER B 240 -6.72 31.41 -16.16
N PRO B 241 -5.52 30.82 -16.04
CA PRO B 241 -5.20 29.46 -15.57
C PRO B 241 -5.04 29.40 -14.09
N VAL B 242 -5.35 28.24 -13.49
CA VAL B 242 -5.27 28.06 -12.07
C VAL B 242 -4.19 27.05 -11.76
N GLN B 243 -3.29 27.42 -10.87
CA GLN B 243 -2.34 26.50 -10.26
C GLN B 243 -3.00 25.91 -9.02
N ILE B 244 -3.12 24.58 -8.99
CA ILE B 244 -3.78 23.87 -7.89
C ILE B 244 -2.77 22.97 -7.21
N ASP B 245 -2.52 23.22 -5.93
CA ASP B 245 -1.65 22.41 -5.13
C ASP B 245 -2.48 21.37 -4.39
N LEU B 246 -2.18 20.13 -4.64
CA LEU B 246 -2.74 18.94 -4.04
C LEU B 246 -1.72 18.34 -3.10
N PRO B 247 -2.12 17.38 -2.24
CA PRO B 247 -1.08 16.76 -1.38
C PRO B 247 0.08 16.21 -2.19
N GLY B 248 -0.19 15.62 -3.35
CA GLY B 248 0.89 15.03 -4.14
C GLY B 248 1.70 16.00 -4.97
N GLY B 249 1.24 17.21 -5.15
CA GLY B 249 2.00 18.23 -5.89
C GLY B 249 1.06 19.15 -6.66
N ARG B 250 1.59 19.72 -7.74
CA ARG B 250 0.96 20.85 -8.42
C ARG B 250 0.46 20.49 -9.80
N LEU B 251 -0.79 20.88 -10.06
CA LEU B 251 -1.41 20.79 -11.37
C LEU B 251 -1.76 22.19 -11.85
N HIS B 252 -1.77 22.37 -13.16
CA HIS B 252 -2.22 23.60 -13.80
C HIS B 252 -3.46 23.33 -14.62
N ILE B 253 -4.51 24.09 -14.36
CA ILE B 253 -5.78 23.89 -15.04
C ILE B 253 -6.11 25.11 -15.87
N GLU B 254 -6.44 24.89 -17.12
CA GLU B 254 -6.93 25.92 -18.02
C GLU B 254 -8.38 25.65 -18.42
N TRP B 255 -9.21 26.68 -18.41
CA TRP B 255 -10.57 26.50 -18.92
C TRP B 255 -11.07 27.84 -19.41
N ALA B 256 -11.47 27.87 -20.66
CA ALA B 256 -11.93 29.10 -21.28
C ALA B 256 -13.41 29.38 -21.05
N GLY B 257 -14.13 28.50 -20.35
CA GLY B 257 -15.52 28.73 -20.02
C GLY B 257 -16.48 27.74 -20.63
N PRO B 258 -17.78 27.96 -20.40
CA PRO B 258 -18.76 26.90 -20.69
C PRO B 258 -18.69 26.38 -22.12
N GLY B 259 -18.80 25.06 -22.25
CA GLY B 259 -18.70 24.40 -23.52
C GLY B 259 -17.29 24.16 -24.03
N GLN B 260 -16.23 24.82 -23.39
CA GLN B 260 -14.85 24.68 -23.83
C GLN B 260 -14.16 23.61 -23.01
N PRO B 261 -13.12 22.96 -23.53
CA PRO B 261 -12.49 21.85 -22.79
C PRO B 261 -11.65 22.35 -21.62
N VAL B 262 -11.59 21.51 -20.60
CA VAL B 262 -10.66 21.73 -19.48
C VAL B 262 -9.32 21.11 -19.86
N MET B 263 -8.24 21.89 -19.76
CA MET B 263 -6.89 21.38 -20.02
C MET B 263 -6.14 21.22 -18.71
N MET B 264 -5.57 20.06 -18.48
CA MET B 264 -4.88 19.77 -17.25
C MET B 264 -3.41 19.52 -17.54
N THR B 265 -2.52 20.21 -16.84
CA THR B 265 -1.09 19.95 -17.00
C THR B 265 -0.40 19.55 -15.69
N GLY B 266 0.44 18.53 -15.75
CA GLY B 266 1.19 18.14 -14.58
C GLY B 266 2.27 17.16 -14.94
N PRO B 267 3.02 16.77 -13.93
CA PRO B 267 4.14 15.85 -14.11
C PRO B 267 3.75 14.38 -14.08
N ALA B 268 4.70 13.55 -14.46
CA ALA B 268 4.59 12.10 -14.36
C ALA B 268 6.05 11.65 -14.23
N VAL B 269 6.32 10.75 -13.30
CA VAL B 269 7.70 10.41 -12.91
C VAL B 269 7.91 8.90 -13.00
N ARG B 270 9.08 8.47 -13.49
CA ARG B 270 9.46 7.07 -13.41
C ARG B 270 10.02 6.76 -12.03
N VAL B 271 9.56 5.66 -11.42
CA VAL B 271 10.02 5.23 -10.10
C VAL B 271 11.07 4.13 -10.23
N TYR B 272 10.74 3.04 -10.92
CA TYR B 272 11.67 1.91 -11.09
C TYR B 272 11.23 1.12 -12.34
N GLU B 273 12.13 0.25 -12.79
CA GLU B 273 11.88 -0.70 -13.87
C GLU B 273 11.79 -2.11 -13.28
N GLY B 274 10.82 -2.89 -13.75
CA GLY B 274 10.53 -4.17 -13.17
C GLY B 274 10.37 -5.25 -14.23
N GLN B 275 10.49 -6.49 -13.79
CA GLN B 275 10.21 -7.66 -14.61
C GLN B 275 9.41 -8.64 -13.73
N VAL B 276 8.29 -9.11 -14.25
CA VAL B 276 7.40 -9.99 -13.50
C VAL B 276 7.15 -11.23 -14.36
N ARG B 277 7.18 -12.40 -13.72
CA ARG B 277 7.05 -13.64 -14.48
C ARG B 277 5.58 -13.95 -14.72
N LEU B 278 5.31 -14.56 -15.86
CA LEU B 278 3.98 -14.95 -16.25
C LEU B 278 3.71 -16.40 -15.83
#